data_8DNW
#
_entry.id   8DNW
#
_cell.length_a   1.00
_cell.length_b   1.00
_cell.length_c   1.00
_cell.angle_alpha   90.00
_cell.angle_beta   90.00
_cell.angle_gamma   90.00
#
_symmetry.space_group_name_H-M   'P 1'
#
loop_
_entity.id
_entity.type
_entity.pdbx_description
1 polymer 'Protein transport protein Sec61 subunit gamma'
2 polymer 'Protein transport protein Sec61 subunit beta'
3 polymer 'Protein transport protein Sec61 subunit alpha isoform 1'
#
loop_
_entity_poly.entity_id
_entity_poly.type
_entity_poly.pdbx_seq_one_letter_code
_entity_poly.pdbx_strand_id
1 'polypeptide(L)' MDQVMQFVEPSRQFVKDSIRLVKRCTKPDRKEFQKIAMATAIGFAIMGFIGFFVKLIHIPINNIIVGG B
2 'polypeptide(L)'
;MPGPTPSGTNVGSSGRSPSKAVAARAAGSTVRQRKNASCGTRSAGRTTSAGTGGMWRFYTEDSPGLKVGPVPVLVMSLLF
IASVFMLHIWGKYTRS
;
C
3 'polypeptide(L)'
;MAIKFLEVIKPFCVILPEIQKPERKIQFKEKVLWTAITLFIFLVCCQIPLFGIMSSDSADPFYWMRVILASNRGTLMELG
ISPIVTSGLIMQLLAGAKIIEVGDTPKDRALFNGAQKLFGMIITIGQSIVYVMTGMYGDPSEMGAGICLLITIQLFVAGL
IVLLLDELLQKGYGLGSGISLFIATNICETIVWKAFSPTTVNTGRGMEFEGAIIALFHLLATRTDKVRALREAFYRQNLP
NLMNLIATIFVFAVVIYFQGFRYELPIRSTKVRGQIGIYPIKLFYTSNIPIILQSALVSNLYVISQMLSARFSGNLLVSL
LGTWSDTSSGGPARAYPVGGLCYYLSPPESFGSVLEDPVHAVVYIVFMLGSCAFFSKTWIEVSGSSPRDIAKQFKDQGMV
INGKRETSIYRELKKIIPTAAAFGGLCIGALSVLADFLGAIGSGTGILLAVTIIYQYFEIFVKEQSEVGSMGALLF
;
A
#
# COMPACT_ATOMS: atom_id res chain seq x y z
N GLN A 6 -3.11 18.31 -34.03
CA GLN A 6 -3.49 17.08 -34.71
C GLN A 6 -3.21 15.86 -33.84
N PHE A 7 -3.91 15.78 -32.71
CA PHE A 7 -3.75 14.66 -31.79
C PHE A 7 -4.57 13.44 -32.16
N VAL A 8 -5.37 13.53 -33.24
CA VAL A 8 -6.20 12.40 -33.64
C VAL A 8 -5.32 11.22 -34.06
N GLU A 9 -4.30 11.48 -34.86
CA GLU A 9 -3.42 10.41 -35.32
C GLU A 9 -2.61 9.78 -34.18
N PRO A 10 -1.99 10.53 -33.27
CA PRO A 10 -1.33 9.87 -32.13
C PRO A 10 -2.28 9.02 -31.31
N SER A 11 -3.50 9.49 -31.07
CA SER A 11 -4.46 8.69 -30.30
C SER A 11 -4.86 7.43 -31.04
N ARG A 12 -5.07 7.55 -32.36
CA ARG A 12 -5.42 6.37 -33.16
C ARG A 12 -4.29 5.35 -33.14
N GLN A 13 -3.05 5.81 -33.28
CA GLN A 13 -1.91 4.91 -33.22
C GLN A 13 -1.82 4.24 -31.86
N PHE A 14 -2.02 5.01 -30.79
CA PHE A 14 -1.98 4.45 -29.45
C PHE A 14 -3.03 3.35 -29.27
N VAL A 15 -4.27 3.65 -29.65
CA VAL A 15 -5.35 2.67 -29.47
C VAL A 15 -5.12 1.43 -30.33
N LYS A 16 -4.72 1.63 -31.59
CA LYS A 16 -4.50 0.48 -32.47
C LYS A 16 -3.37 -0.40 -31.97
N ASP A 17 -2.26 0.21 -31.55
CA ASP A 17 -1.12 -0.58 -31.09
C ASP A 17 -1.48 -1.28 -29.77
N SER A 18 -2.26 -0.60 -28.92
CA SER A 18 -2.66 -1.21 -27.65
C SER A 18 -3.57 -2.42 -27.87
N ILE A 19 -4.53 -2.30 -28.79
CA ILE A 19 -5.42 -3.43 -29.05
C ILE A 19 -4.64 -4.57 -29.71
N ARG A 20 -3.66 -4.23 -30.57
CA ARG A 20 -2.80 -5.27 -31.11
C ARG A 20 -2.02 -5.96 -30.00
N LEU A 21 -1.49 -5.20 -29.04
CA LEU A 21 -0.75 -5.78 -27.92
C LEU A 21 -1.64 -6.71 -27.11
N VAL A 22 -2.89 -6.30 -26.87
CA VAL A 22 -3.84 -7.18 -26.21
C VAL A 22 -4.05 -8.45 -27.02
N LYS A 23 -4.10 -8.32 -28.35
CA LYS A 23 -4.30 -9.49 -29.19
C LYS A 23 -3.13 -10.47 -29.07
N ARG A 24 -1.89 -9.96 -29.09
CA ARG A 24 -0.75 -10.87 -28.98
C ARG A 24 -0.53 -11.38 -27.57
N CYS A 25 -0.95 -10.64 -26.55
CA CYS A 25 -0.76 -11.08 -25.18
C CYS A 25 -1.57 -12.35 -24.91
N THR A 26 -0.94 -13.32 -24.25
CA THR A 26 -1.59 -14.60 -23.96
C THR A 26 -2.42 -14.45 -22.70
N LYS A 27 -3.72 -14.27 -22.89
CA LYS A 27 -4.64 -14.16 -21.78
C LYS A 27 -4.66 -15.48 -21.00
N PRO A 28 -4.69 -15.44 -19.68
CA PRO A 28 -4.67 -16.68 -18.90
C PRO A 28 -5.87 -17.56 -19.18
N ASP A 29 -5.65 -18.87 -19.10
CA ASP A 29 -6.69 -19.86 -19.33
C ASP A 29 -7.33 -20.24 -17.98
N ARG A 30 -8.16 -21.27 -18.01
CA ARG A 30 -8.93 -21.65 -16.81
C ARG A 30 -8.01 -22.11 -15.69
N LYS A 31 -7.06 -23.02 -15.99
CA LYS A 31 -6.24 -23.60 -14.94
C LYS A 31 -5.34 -22.55 -14.30
N GLU A 32 -4.69 -21.70 -15.11
CA GLU A 32 -3.81 -20.68 -14.56
C GLU A 32 -4.60 -19.67 -13.74
N PHE A 33 -5.77 -19.25 -14.24
CA PHE A 33 -6.60 -18.32 -13.48
C PHE A 33 -7.03 -18.92 -12.15
N GLN A 34 -7.44 -20.19 -12.15
CA GLN A 34 -7.84 -20.82 -10.90
C GLN A 34 -6.68 -20.90 -9.92
N LYS A 35 -5.50 -21.26 -10.41
CA LYS A 35 -4.34 -21.37 -9.53
C LYS A 35 -3.98 -20.02 -8.92
N ILE A 36 -3.92 -18.97 -9.76
CA ILE A 36 -3.52 -17.66 -9.27
C ILE A 36 -4.59 -17.09 -8.34
N ALA A 37 -5.88 -17.33 -8.64
CA ALA A 37 -6.95 -16.85 -7.78
C ALA A 37 -6.93 -17.56 -6.44
N MET A 38 -6.65 -18.87 -6.43
CA MET A 38 -6.55 -19.60 -5.18
C MET A 38 -5.37 -19.08 -4.35
N ALA A 39 -4.23 -18.83 -4.99
CA ALA A 39 -3.09 -18.30 -4.26
C ALA A 39 -3.38 -16.92 -3.68
N THR A 40 -3.99 -16.05 -4.48
CA THR A 40 -4.32 -14.71 -3.99
C THR A 40 -5.34 -14.78 -2.86
N ALA A 41 -6.33 -15.66 -2.98
CA ALA A 41 -7.31 -15.81 -1.92
C ALA A 41 -6.67 -16.31 -0.64
N ILE A 42 -5.73 -17.25 -0.75
CA ILE A 42 -5.04 -17.76 0.45
C ILE A 42 -4.23 -16.64 1.10
N GLY A 43 -3.50 -15.88 0.31
CA GLY A 43 -2.70 -14.80 0.87
C GLY A 43 -3.56 -13.73 1.53
N PHE A 44 -4.62 -13.32 0.84
CA PHE A 44 -5.53 -12.31 1.39
C PHE A 44 -6.20 -12.81 2.66
N ALA A 45 -6.64 -14.07 2.67
CA ALA A 45 -7.27 -14.62 3.85
C ALA A 45 -6.29 -14.65 5.01
N ILE A 46 -5.04 -15.07 4.76
CA ILE A 46 -4.06 -15.13 5.82
C ILE A 46 -3.83 -13.74 6.42
N MET A 47 -3.55 -12.76 5.57
CA MET A 47 -3.26 -11.41 6.07
C MET A 47 -4.47 -10.83 6.79
N GLY A 48 -5.63 -10.88 6.14
CA GLY A 48 -6.81 -10.25 6.71
C GLY A 48 -7.27 -10.90 7.99
N PHE A 49 -7.20 -12.24 8.06
CA PHE A 49 -7.64 -12.92 9.26
C PHE A 49 -6.65 -12.79 10.41
N ILE A 50 -5.34 -12.75 10.12
CA ILE A 50 -4.38 -12.45 11.18
C ILE A 50 -4.66 -11.06 11.74
N GLY A 51 -4.86 -10.08 10.87
CA GLY A 51 -5.17 -8.74 11.34
C GLY A 51 -6.49 -8.68 12.10
N PHE A 52 -7.50 -9.39 11.62
CA PHE A 52 -8.80 -9.42 12.27
C PHE A 52 -8.70 -10.00 13.67
N PHE A 53 -8.02 -11.14 13.81
CA PHE A 53 -7.90 -11.76 15.12
C PHE A 53 -7.03 -10.93 16.05
N VAL A 54 -6.00 -10.27 15.52
CA VAL A 54 -5.20 -9.38 16.37
C VAL A 54 -6.05 -8.23 16.88
N LYS A 55 -6.88 -7.65 16.02
CA LYS A 55 -7.75 -6.54 16.45
C LYS A 55 -8.76 -7.01 17.49
N LEU A 56 -9.37 -8.18 17.30
CA LEU A 56 -10.29 -8.70 18.31
C LEU A 56 -9.57 -8.98 19.63
N ILE A 57 -8.34 -9.49 19.56
CA ILE A 57 -7.59 -9.73 20.79
C ILE A 57 -7.31 -8.42 21.51
N HIS A 58 -6.94 -7.39 20.76
CA HIS A 58 -6.48 -6.14 21.36
C HIS A 58 -7.61 -5.19 21.74
N ILE A 59 -8.85 -5.42 21.28
CA ILE A 59 -9.95 -4.56 21.70
C ILE A 59 -10.21 -4.64 23.20
N PRO A 60 -10.38 -5.82 23.82
CA PRO A 60 -10.48 -5.84 25.28
C PRO A 60 -9.22 -5.38 25.97
N ILE A 61 -8.05 -5.65 25.39
CA ILE A 61 -6.81 -5.15 25.98
C ILE A 61 -6.76 -3.63 25.92
N ASN A 62 -7.21 -3.04 24.82
CA ASN A 62 -7.27 -1.59 24.74
C ASN A 62 -8.26 -1.04 25.76
N ASN A 63 -9.39 -1.72 25.96
CA ASN A 63 -10.36 -1.28 26.96
C ASN A 63 -9.77 -1.33 28.36
N ILE A 64 -9.04 -2.40 28.68
CA ILE A 64 -8.51 -2.59 30.02
C ILE A 64 -7.37 -1.61 30.30
N ILE A 65 -6.40 -1.54 29.38
CA ILE A 65 -5.18 -0.78 29.64
C ILE A 65 -5.45 0.72 29.63
N VAL A 66 -6.23 1.20 28.66
CA VAL A 66 -6.54 2.62 28.59
C VAL A 66 -7.47 3.02 29.72
N GLY B 65 29.87 -0.75 14.55
CA GLY B 65 28.60 -1.09 13.95
C GLY B 65 27.88 -2.22 14.67
N LEU B 66 26.79 -1.89 15.36
CA LEU B 66 26.04 -2.89 16.08
C LEU B 66 25.30 -3.81 15.12
N LYS B 67 25.41 -5.12 15.36
CA LYS B 67 24.76 -6.13 14.53
C LYS B 67 23.87 -6.99 15.41
N VAL B 68 22.63 -7.20 14.99
CA VAL B 68 21.69 -8.05 15.70
C VAL B 68 21.09 -9.04 14.71
N GLY B 69 20.51 -10.11 15.25
CA GLY B 69 19.81 -11.08 14.44
C GLY B 69 18.36 -10.73 14.31
N PRO B 70 17.54 -11.68 13.87
CA PRO B 70 16.10 -11.43 13.80
C PRO B 70 15.40 -11.64 15.13
N VAL B 71 15.92 -12.57 15.93
CA VAL B 71 15.39 -12.85 17.26
C VAL B 71 15.66 -11.68 18.20
N PRO B 72 16.84 -11.06 18.19
CA PRO B 72 17.00 -9.82 18.97
C PRO B 72 16.02 -8.74 18.58
N VAL B 73 15.71 -8.60 17.28
CA VAL B 73 14.74 -7.59 16.85
C VAL B 73 13.35 -7.94 17.36
N LEU B 74 12.96 -9.22 17.28
CA LEU B 74 11.67 -9.64 17.79
C LEU B 74 11.56 -9.38 19.29
N VAL B 75 12.61 -9.73 20.04
CA VAL B 75 12.59 -9.53 21.49
C VAL B 75 12.55 -8.05 21.82
N MET B 76 13.28 -7.22 21.08
CA MET B 76 13.28 -5.79 21.36
C MET B 76 11.93 -5.16 21.03
N SER B 77 11.28 -5.61 19.96
CA SER B 77 9.93 -5.14 19.67
C SER B 77 8.95 -5.54 20.76
N LEU B 78 9.05 -6.78 21.23
CA LEU B 78 8.16 -7.22 22.32
C LEU B 78 8.44 -6.43 23.59
N LEU B 79 9.71 -6.12 23.87
CA LEU B 79 10.03 -5.32 25.03
C LEU B 79 9.49 -3.90 24.90
N PHE B 80 9.51 -3.34 23.69
CA PHE B 80 8.92 -2.02 23.49
C PHE B 80 7.41 -2.05 23.73
N ILE B 81 6.74 -3.09 23.22
CA ILE B 81 5.31 -3.24 23.43
C ILE B 81 4.99 -3.36 24.92
N ALA B 82 5.77 -4.18 25.61
CA ALA B 82 5.57 -4.36 27.05
C ALA B 82 5.85 -3.07 27.80
N SER B 83 6.86 -2.31 27.38
CA SER B 83 7.16 -1.05 28.03
C SER B 83 6.02 -0.06 27.84
N VAL B 84 5.41 -0.04 26.66
CA VAL B 84 4.26 0.84 26.45
C VAL B 84 3.10 0.42 27.35
N PHE B 85 2.84 -0.88 27.46
CA PHE B 85 1.80 -1.34 28.39
C PHE B 85 2.09 -0.94 29.82
N MET B 86 3.33 -1.12 30.28
CA MET B 86 3.65 -0.75 31.66
C MET B 86 3.59 0.77 31.86
N LEU B 87 3.94 1.55 30.83
CA LEU B 87 3.80 3.00 30.92
C LEU B 87 2.34 3.39 31.09
N HIS B 88 1.45 2.78 30.29
CA HIS B 88 0.03 3.05 30.42
C HIS B 88 -0.49 2.64 31.79
N ILE B 89 -0.04 1.48 32.27
CA ILE B 89 -0.51 0.97 33.57
C ILE B 89 -0.04 1.88 34.69
N TRP B 90 1.22 2.33 34.64
CA TRP B 90 1.71 3.24 35.66
C TRP B 90 0.98 4.57 35.62
N GLY B 91 0.69 5.08 34.42
CA GLY B 91 -0.10 6.30 34.32
C GLY B 91 -1.49 6.13 34.91
N LYS B 92 -2.13 4.99 34.63
CA LYS B 92 -3.45 4.73 35.19
C LYS B 92 -3.42 4.65 36.71
N TYR B 93 -2.41 3.99 37.27
CA TYR B 93 -2.33 3.85 38.72
C TYR B 93 -2.00 5.17 39.39
N THR B 94 -1.11 5.96 38.79
CA THR B 94 -0.76 7.25 39.35
C THR B 94 -1.95 8.21 39.29
N ARG B 95 -2.70 8.19 38.20
CA ARG B 95 -3.89 9.04 38.11
C ARG B 95 -4.91 8.67 39.18
N SER B 96 -5.13 7.38 39.40
CA SER B 96 -6.08 6.93 40.40
C SER B 96 -5.49 7.09 41.81
N ILE C 9 30.83 12.76 9.79
CA ILE C 9 29.50 12.22 10.08
C ILE C 9 29.57 10.69 10.20
N LYS C 10 30.76 10.14 9.99
CA LYS C 10 30.91 8.68 10.03
C LYS C 10 30.52 8.06 11.36
N PRO C 11 30.96 8.57 12.52
CA PRO C 11 30.47 7.98 13.78
C PRO C 11 28.96 8.07 13.93
N PHE C 12 28.36 9.19 13.51
CA PHE C 12 26.92 9.34 13.60
C PHE C 12 26.19 8.32 12.73
N CYS C 13 26.71 8.07 11.53
CA CYS C 13 26.08 7.08 10.66
C CYS C 13 26.28 5.66 11.20
N VAL C 14 27.41 5.40 11.86
CA VAL C 14 27.67 4.04 12.33
C VAL C 14 27.08 3.73 13.69
N ILE C 15 26.62 4.73 14.44
CA ILE C 15 25.97 4.47 15.74
C ILE C 15 24.50 4.25 15.44
N LEU C 16 24.17 3.02 15.02
CA LEU C 16 22.82 2.63 14.68
C LEU C 16 22.72 1.12 14.69
N PRO C 17 21.61 0.55 15.17
CA PRO C 17 21.45 -0.90 15.09
C PRO C 17 21.36 -1.36 13.64
N GLU C 18 21.84 -2.58 13.40
CA GLU C 18 21.79 -3.17 12.08
C GLU C 18 21.56 -4.67 12.22
N ILE C 19 20.96 -5.27 11.19
CA ILE C 19 20.63 -6.69 11.20
C ILE C 19 21.70 -7.44 10.42
N GLN C 20 22.25 -8.49 11.04
CA GLN C 20 23.31 -9.26 10.43
C GLN C 20 22.82 -9.98 9.18
N LYS C 21 23.60 -9.90 8.11
CA LYS C 21 23.24 -10.58 6.87
C LYS C 21 23.29 -12.09 7.07
N PRO C 22 22.29 -12.82 6.60
CA PRO C 22 22.32 -14.28 6.71
C PRO C 22 23.28 -14.93 5.72
N GLU C 23 24.56 -15.03 6.10
CA GLU C 23 25.55 -15.64 5.21
C GLU C 23 25.08 -17.02 4.74
N ARG C 24 24.62 -17.85 5.66
CA ARG C 24 23.98 -19.11 5.30
C ARG C 24 22.57 -18.82 4.79
N LYS C 25 22.24 -19.42 3.65
CA LYS C 25 20.94 -19.17 3.05
C LYS C 25 19.82 -19.72 3.93
N ILE C 26 18.63 -19.14 3.79
CA ILE C 26 17.48 -19.47 4.60
C ILE C 26 16.43 -20.13 3.71
N GLN C 27 15.92 -21.27 4.16
CA GLN C 27 14.91 -22.00 3.39
C GLN C 27 13.63 -21.19 3.28
N PHE C 28 12.82 -21.56 2.29
CA PHE C 28 11.59 -20.81 2.01
C PHE C 28 10.63 -20.85 3.19
N LYS C 29 10.52 -22.01 3.86
CA LYS C 29 9.61 -22.12 4.99
C LYS C 29 9.99 -21.16 6.11
N GLU C 30 11.29 -21.08 6.42
CA GLU C 30 11.72 -20.15 7.46
C GLU C 30 11.52 -18.70 7.04
N LYS C 31 11.70 -18.40 5.75
CA LYS C 31 11.40 -17.05 5.27
C LYS C 31 9.93 -16.72 5.46
N VAL C 32 9.04 -17.66 5.15
CA VAL C 32 7.61 -17.42 5.35
C VAL C 32 7.31 -17.22 6.84
N LEU C 33 7.91 -18.04 7.70
CA LEU C 33 7.67 -17.90 9.13
C LEU C 33 8.14 -16.54 9.64
N TRP C 34 9.31 -16.09 9.19
CA TRP C 34 9.81 -14.78 9.63
C TRP C 34 8.97 -13.64 9.07
N THR C 35 8.48 -13.79 7.84
CA THR C 35 7.56 -12.79 7.29
C THR C 35 6.29 -12.72 8.12
N ALA C 36 5.75 -13.88 8.52
CA ALA C 36 4.56 -13.90 9.35
C ALA C 36 4.83 -13.28 10.73
N ILE C 37 6.01 -13.54 11.29
CA ILE C 37 6.35 -12.97 12.59
C ILE C 37 6.45 -11.45 12.50
N THR C 38 7.11 -10.94 11.45
CA THR C 38 7.19 -9.50 11.25
C THR C 38 5.81 -8.90 11.05
N LEU C 39 4.96 -9.56 10.27
CA LEU C 39 3.60 -9.10 10.06
C LEU C 39 2.83 -9.03 11.37
N PHE C 40 2.97 -10.07 12.21
CA PHE C 40 2.30 -10.07 13.50
C PHE C 40 2.80 -8.96 14.40
N ILE C 41 4.12 -8.73 14.40
CA ILE C 41 4.67 -7.66 15.24
C ILE C 41 4.13 -6.30 14.80
N PHE C 42 4.10 -6.05 13.48
CA PHE C 42 3.56 -4.79 13.00
C PHE C 42 2.07 -4.66 13.34
N LEU C 43 1.32 -5.75 13.21
CA LEU C 43 -0.10 -5.70 13.51
C LEU C 43 -0.35 -5.42 14.99
N VAL C 44 0.46 -6.00 15.87
CA VAL C 44 0.31 -5.71 17.30
C VAL C 44 0.72 -4.27 17.58
N CYS C 45 1.77 -3.78 16.91
CA CYS C 45 2.23 -2.43 17.19
C CYS C 45 1.28 -1.37 16.64
N CYS C 46 0.47 -1.70 15.64
CA CYS C 46 -0.45 -0.71 15.08
C CYS C 46 -1.81 -0.72 15.76
N GLN C 47 -1.99 -1.53 16.80
CA GLN C 47 -3.22 -1.52 17.59
C GLN C 47 -3.01 -1.02 19.01
N ILE C 48 -1.78 -0.73 19.40
CA ILE C 48 -1.47 -0.30 20.76
C ILE C 48 -1.54 1.21 20.81
N PRO C 49 -2.46 1.78 21.59
CA PRO C 49 -2.56 3.24 21.65
C PRO C 49 -1.31 3.86 22.26
N LEU C 50 -1.01 5.08 21.83
CA LEU C 50 0.13 5.81 22.35
C LEU C 50 -0.15 6.29 23.77
N PHE C 51 0.92 6.54 24.52
CA PHE C 51 0.81 7.07 25.87
C PHE C 51 0.78 8.59 25.81
N GLY C 52 0.05 9.20 26.75
CA GLY C 52 -0.01 10.63 26.87
C GLY C 52 -1.05 11.30 25.98
N ILE C 53 -1.77 10.54 25.16
CA ILE C 53 -2.78 11.13 24.30
C ILE C 53 -3.90 11.69 25.16
N MET C 54 -4.17 12.98 25.02
CA MET C 54 -5.21 13.65 25.80
C MET C 54 -6.59 13.48 25.18
N SER C 55 -6.69 13.60 23.86
CA SER C 55 -7.98 13.49 23.19
C SER C 55 -7.76 12.98 21.77
N SER C 56 -8.73 12.21 21.29
CA SER C 56 -8.74 11.67 19.93
C SER C 56 -10.09 11.89 19.29
N ASP C 57 -10.71 13.04 19.54
CA ASP C 57 -12.03 13.35 19.01
C ASP C 57 -11.98 14.26 17.79
N SER C 58 -10.90 14.99 17.58
CA SER C 58 -10.78 15.88 16.45
C SER C 58 -10.65 15.08 15.15
N ALA C 59 -10.97 15.74 14.03
CA ALA C 59 -10.84 15.12 12.74
C ALA C 59 -9.38 14.83 12.42
N ASP C 60 -9.15 13.75 11.68
CA ASP C 60 -7.80 13.32 11.37
C ASP C 60 -7.23 14.18 10.25
N PRO C 61 -6.18 14.97 10.50
CA PRO C 61 -5.59 15.77 9.41
C PRO C 61 -5.00 14.94 8.29
N PHE C 62 -4.42 13.78 8.60
CA PHE C 62 -3.78 12.93 7.61
C PHE C 62 -4.59 11.65 7.36
N TYR C 63 -5.92 11.75 7.39
CA TYR C 63 -6.76 10.56 7.22
C TYR C 63 -6.55 9.94 5.84
N TRP C 64 -6.15 10.73 4.85
CA TRP C 64 -5.92 10.22 3.50
C TRP C 64 -4.55 9.57 3.35
N MET C 65 -3.67 9.72 4.35
CA MET C 65 -2.37 9.06 4.35
C MET C 65 -2.42 7.66 4.96
N ARG C 66 -3.54 7.28 5.57
CA ARG C 66 -3.59 6.04 6.34
C ARG C 66 -3.43 4.82 5.44
N VAL C 67 -4.15 4.78 4.32
CA VAL C 67 -4.09 3.62 3.44
C VAL C 67 -2.71 3.50 2.80
N ILE C 68 -2.18 4.61 2.29
CA ILE C 68 -0.92 4.56 1.56
C ILE C 68 0.24 4.26 2.50
N LEU C 69 0.20 4.81 3.71
CA LEU C 69 1.29 4.62 4.67
C LEU C 69 1.05 3.45 5.63
N ALA C 70 -0.10 2.78 5.53
CA ALA C 70 -0.45 1.67 6.41
C ALA C 70 -0.33 2.08 7.88
N SER C 71 -1.09 3.10 8.23
CA SER C 71 -1.03 3.71 9.55
C SER C 71 -2.34 3.52 10.29
N ASN C 72 -2.33 3.91 11.56
CA ASN C 72 -3.53 3.90 12.39
C ASN C 72 -3.40 5.03 13.41
N ARG C 73 -4.34 5.97 13.40
CA ARG C 73 -4.23 7.14 14.25
C ARG C 73 -4.28 6.74 15.72
N GLY C 74 -3.38 7.34 16.51
CA GLY C 74 -3.35 7.13 17.93
C GLY C 74 -2.51 5.95 18.39
N THR C 75 -2.12 5.06 17.48
CA THR C 75 -1.35 3.90 17.83
C THR C 75 0.14 4.15 17.58
N LEU C 76 0.97 3.17 17.94
CA LEU C 76 2.40 3.33 17.76
C LEU C 76 2.78 3.48 16.29
N MET C 77 2.12 2.72 15.42
CA MET C 77 2.36 2.81 13.98
C MET C 77 1.48 3.86 13.33
N GLU C 78 1.52 5.09 13.87
CA GLU C 78 0.79 6.17 13.24
C GLU C 78 1.59 6.81 12.11
N LEU C 79 2.91 6.92 12.28
CA LEU C 79 3.76 7.28 11.16
C LEU C 79 3.72 6.21 10.08
N GLY C 80 3.75 4.95 10.49
CA GLY C 80 3.59 3.86 9.54
C GLY C 80 4.88 3.59 8.81
N ILE C 81 4.78 3.47 7.48
CA ILE C 81 5.92 3.15 6.64
C ILE C 81 6.55 4.45 6.14
N SER C 82 6.17 5.57 6.74
CA SER C 82 6.75 6.85 6.34
C SER C 82 8.26 6.90 6.46
N PRO C 83 8.91 6.40 7.52
CA PRO C 83 10.38 6.43 7.55
C PRO C 83 11.04 5.79 6.34
N ILE C 84 10.54 4.63 5.91
CA ILE C 84 11.15 3.92 4.78
C ILE C 84 11.04 4.74 3.51
N VAL C 85 9.84 5.23 3.20
CA VAL C 85 9.62 5.98 1.98
C VAL C 85 10.44 7.27 1.99
N THR C 86 10.43 7.98 3.11
CA THR C 86 11.16 9.24 3.20
C THR C 86 12.66 9.02 3.04
N SER C 87 13.22 8.02 3.73
CA SER C 87 14.65 7.76 3.61
C SER C 87 15.00 7.34 2.18
N GLY C 88 14.18 6.49 1.58
CA GLY C 88 14.45 6.07 0.21
C GLY C 88 14.47 7.24 -0.76
N LEU C 89 13.46 8.10 -0.68
CA LEU C 89 13.43 9.26 -1.57
C LEU C 89 14.58 10.21 -1.30
N ILE C 90 14.93 10.42 -0.03
CA ILE C 90 16.01 11.33 0.32
C ILE C 90 17.33 10.85 -0.28
N MET C 91 17.63 9.56 -0.12
CA MET C 91 18.89 9.09 -0.70
C MET C 91 18.83 8.91 -2.21
N GLN C 92 17.65 8.69 -2.79
CA GLN C 92 17.57 8.73 -4.24
C GLN C 92 17.93 10.11 -4.76
N LEU C 93 17.41 11.16 -4.12
CA LEU C 93 17.78 12.52 -4.50
C LEU C 93 19.25 12.79 -4.26
N LEU C 94 19.79 12.30 -3.14
CA LEU C 94 21.21 12.51 -2.84
C LEU C 94 22.09 11.83 -3.88
N ALA C 95 21.76 10.59 -4.26
CA ALA C 95 22.51 9.90 -5.30
C ALA C 95 22.41 10.62 -6.64
N GLY C 96 21.22 11.13 -6.96
CA GLY C 96 21.08 11.90 -8.19
C GLY C 96 21.93 13.17 -8.19
N ALA C 97 22.00 13.85 -7.05
CA ALA C 97 22.78 15.07 -6.92
C ALA C 97 24.22 14.82 -6.47
N LYS C 98 24.57 13.59 -6.12
CA LYS C 98 25.90 13.25 -5.63
C LYS C 98 26.32 14.11 -4.44
N ARG C 109 30.30 0.20 1.64
CA ARG C 109 28.97 0.38 1.05
C ARG C 109 27.91 0.44 2.14
N ALA C 110 28.19 -0.19 3.29
CA ALA C 110 27.26 -0.15 4.40
C ALA C 110 27.10 1.24 4.98
N LEU C 111 28.02 2.16 4.67
CA LEU C 111 27.85 3.55 5.09
C LEU C 111 26.61 4.17 4.45
N PHE C 112 26.28 3.77 3.22
CA PHE C 112 25.06 4.25 2.59
C PHE C 112 23.83 3.81 3.37
N ASN C 113 23.79 2.54 3.78
CA ASN C 113 22.65 2.06 4.56
C ASN C 113 22.60 2.75 5.93
N GLY C 114 23.75 2.97 6.55
CA GLY C 114 23.77 3.68 7.82
C GLY C 114 23.25 5.11 7.70
N ALA C 115 23.67 5.81 6.64
CA ALA C 115 23.18 7.16 6.42
C ALA C 115 21.69 7.17 6.12
N GLN C 116 21.21 6.16 5.38
CA GLN C 116 19.78 6.07 5.09
C GLN C 116 19.00 5.88 6.37
N LYS C 117 19.48 5.00 7.27
CA LYS C 117 18.82 4.81 8.55
C LYS C 117 18.84 6.09 9.38
N LEU C 118 19.97 6.79 9.39
CA LEU C 118 20.08 8.03 10.16
C LEU C 118 19.10 9.09 9.65
N PHE C 119 19.03 9.26 8.32
CA PHE C 119 18.11 10.24 7.76
C PHE C 119 16.66 9.82 7.97
N GLY C 120 16.38 8.52 7.94
CA GLY C 120 15.04 8.06 8.28
C GLY C 120 14.66 8.39 9.70
N MET C 121 15.60 8.23 10.63
CA MET C 121 15.33 8.60 12.02
C MET C 121 15.13 10.11 12.16
N ILE C 122 15.92 10.90 11.46
CA ILE C 122 15.79 12.36 11.54
C ILE C 122 14.43 12.80 11.00
N ILE C 123 14.03 12.28 9.84
CA ILE C 123 12.74 12.64 9.29
C ILE C 123 11.61 12.07 10.13
N THR C 124 11.83 10.95 10.81
CA THR C 124 10.84 10.43 11.74
C THR C 124 10.64 11.39 12.92
N ILE C 125 11.73 11.93 13.46
CA ILE C 125 11.62 12.91 14.53
C ILE C 125 10.87 14.14 14.05
N GLY C 126 11.22 14.62 12.85
CA GLY C 126 10.53 15.79 12.31
C GLY C 126 9.05 15.55 12.10
N GLN C 127 8.69 14.38 11.54
CA GLN C 127 7.30 14.07 11.29
C GLN C 127 6.53 13.88 12.59
N SER C 128 7.16 13.28 13.61
CA SER C 128 6.50 13.16 14.90
C SER C 128 6.26 14.53 15.52
N ILE C 129 7.22 15.45 15.39
CA ILE C 129 7.03 16.81 15.89
C ILE C 129 5.86 17.47 15.17
N VAL C 130 5.80 17.31 13.84
CA VAL C 130 4.69 17.89 13.09
C VAL C 130 3.36 17.29 13.51
N TYR C 131 3.32 15.97 13.68
CA TYR C 131 2.07 15.30 14.09
C TYR C 131 1.61 15.78 15.45
N VAL C 132 2.53 15.89 16.41
CA VAL C 132 2.16 16.36 17.74
C VAL C 132 1.70 17.80 17.69
N MET C 133 2.40 18.65 16.94
CA MET C 133 2.04 20.05 16.84
C MET C 133 0.94 20.32 15.83
N THR C 134 0.46 19.30 15.12
CA THR C 134 -0.59 19.51 14.14
C THR C 134 -1.87 20.01 14.79
N GLY C 135 -2.23 19.45 15.93
CA GLY C 135 -3.45 19.84 16.60
C GLY C 135 -4.17 18.69 17.27
N MET C 136 -3.87 17.46 16.84
CA MET C 136 -4.43 16.28 17.46
C MET C 136 -3.66 16.00 18.75
N TYR C 137 -3.92 14.83 19.35
CA TYR C 137 -3.43 14.51 20.69
C TYR C 137 -3.91 15.51 21.73
N GLY C 138 -5.02 16.19 21.45
CA GLY C 138 -5.45 17.28 22.30
C GLY C 138 -4.62 18.54 22.06
N ASP C 139 -4.65 19.43 23.04
CA ASP C 139 -3.94 20.69 22.94
C ASP C 139 -2.49 20.51 23.36
N PRO C 140 -1.51 20.79 22.50
CA PRO C 140 -0.11 20.60 22.89
C PRO C 140 0.30 21.46 24.08
N SER C 141 -0.22 22.69 24.20
CA SER C 141 0.18 23.55 25.30
C SER C 141 -0.24 22.97 26.65
N GLU C 142 -1.45 22.39 26.71
CA GLU C 142 -1.88 21.73 27.94
C GLU C 142 -1.06 20.48 28.23
N MET C 143 -0.63 19.77 27.18
CA MET C 143 0.19 18.58 27.38
C MET C 143 1.51 18.93 28.04
N GLY C 144 2.14 20.01 27.62
CA GLY C 144 3.45 20.38 28.12
C GLY C 144 4.57 19.75 27.31
N ALA C 145 5.79 20.20 27.61
CA ALA C 145 6.97 19.68 26.93
C ALA C 145 7.33 18.26 27.35
N GLY C 146 6.69 17.73 28.40
CA GLY C 146 6.98 16.39 28.85
C GLY C 146 6.26 15.31 28.08
N ILE C 147 4.92 15.39 28.04
CA ILE C 147 4.14 14.37 27.36
C ILE C 147 4.39 14.42 25.86
N CYS C 148 4.54 15.62 25.30
CA CYS C 148 4.85 15.73 23.87
C CYS C 148 6.19 15.07 23.55
N LEU C 149 7.20 15.30 24.39
CA LEU C 149 8.49 14.66 24.18
C LEU C 149 8.38 13.15 24.32
N LEU C 150 7.55 12.69 25.27
CA LEU C 150 7.38 11.25 25.45
C LEU C 150 6.71 10.61 24.23
N ILE C 151 5.73 11.30 23.65
CA ILE C 151 5.10 10.80 22.43
C ILE C 151 6.10 10.81 21.28
N THR C 152 6.95 11.84 21.23
CA THR C 152 8.00 11.86 20.20
C THR C 152 8.94 10.67 20.36
N ILE C 153 9.30 10.34 21.60
CA ILE C 153 10.16 9.18 21.84
C ILE C 153 9.46 7.89 21.41
N GLN C 154 8.18 7.75 21.76
CA GLN C 154 7.45 6.55 21.37
C GLN C 154 7.39 6.40 19.86
N LEU C 155 7.10 7.49 19.14
CA LEU C 155 7.06 7.41 17.68
C LEU C 155 8.45 7.20 17.09
N PHE C 156 9.49 7.75 17.71
CA PHE C 156 10.85 7.48 17.28
C PHE C 156 11.19 6.00 17.37
N VAL C 157 10.85 5.38 18.51
CA VAL C 157 11.14 3.96 18.67
C VAL C 157 10.28 3.14 17.72
N ALA C 158 9.04 3.56 17.47
CA ALA C 158 8.21 2.86 16.51
C ALA C 158 8.79 2.93 15.10
N GLY C 159 9.30 4.09 14.71
CA GLY C 159 9.96 4.21 13.41
C GLY C 159 11.22 3.39 13.32
N LEU C 160 11.98 3.31 14.42
CA LEU C 160 13.14 2.44 14.46
C LEU C 160 12.74 0.99 14.28
N ILE C 161 11.63 0.58 14.91
CA ILE C 161 11.13 -0.78 14.74
C ILE C 161 10.71 -1.02 13.30
N VAL C 162 10.08 -0.03 12.67
CA VAL C 162 9.68 -0.18 11.28
C VAL C 162 10.90 -0.36 10.39
N LEU C 163 11.94 0.45 10.60
CA LEU C 163 13.16 0.29 9.81
C LEU C 163 13.81 -1.06 10.05
N LEU C 164 13.85 -1.51 11.30
CA LEU C 164 14.43 -2.81 11.60
C LEU C 164 13.65 -3.93 10.95
N LEU C 165 12.32 -3.84 10.95
CA LEU C 165 11.49 -4.88 10.34
C LEU C 165 11.65 -4.88 8.82
N ASP C 166 11.77 -3.69 8.21
CA ASP C 166 12.02 -3.63 6.78
C ASP C 166 13.38 -4.24 6.44
N GLU C 167 14.40 -3.94 7.24
CA GLU C 167 15.70 -4.56 7.02
C GLU C 167 15.63 -6.07 7.21
N LEU C 168 14.86 -6.52 8.21
CA LEU C 168 14.70 -7.96 8.41
C LEU C 168 14.07 -8.61 7.18
N LEU C 169 13.09 -7.94 6.58
CA LEU C 169 12.42 -8.52 5.42
C LEU C 169 13.27 -8.42 4.17
N GLN C 170 14.19 -7.45 4.10
CA GLN C 170 14.94 -7.23 2.87
C GLN C 170 16.33 -7.85 2.85
N LYS C 171 16.97 -8.06 4.00
CA LYS C 171 18.31 -8.63 4.01
C LYS C 171 18.32 -10.11 3.66
N GLY C 172 17.18 -10.79 3.76
CA GLY C 172 17.10 -12.18 3.42
C GLY C 172 16.19 -12.99 4.32
N TYR C 173 15.91 -12.47 5.51
CA TYR C 173 15.03 -13.16 6.45
C TYR C 173 13.58 -13.14 6.02
N GLY C 174 13.19 -12.21 5.15
CA GLY C 174 11.80 -12.09 4.75
C GLY C 174 11.65 -12.15 3.24
N LEU C 175 10.47 -12.57 2.82
CA LEU C 175 10.19 -12.73 1.40
C LEU C 175 10.24 -11.40 0.66
N GLY C 176 9.33 -10.49 0.99
CA GLY C 176 9.21 -9.22 0.31
C GLY C 176 9.83 -8.09 1.10
N SER C 177 9.48 -6.87 0.71
CA SER C 177 9.93 -5.68 1.41
C SER C 177 8.98 -5.39 2.57
N GLY C 178 9.27 -4.33 3.32
CA GLY C 178 8.40 -3.96 4.42
C GLY C 178 7.24 -3.10 3.97
N ILE C 179 7.49 -2.21 3.01
CA ILE C 179 6.45 -1.30 2.53
C ILE C 179 5.29 -2.09 1.95
N SER C 180 5.59 -3.01 1.03
CA SER C 180 4.54 -3.76 0.36
C SER C 180 3.79 -4.66 1.34
N LEU C 181 4.52 -5.34 2.22
CA LEU C 181 3.86 -6.23 3.17
C LEU C 181 2.95 -5.45 4.10
N PHE C 182 3.41 -4.31 4.60
CA PHE C 182 2.59 -3.55 5.54
C PHE C 182 1.36 -2.95 4.86
N ILE C 183 1.53 -2.42 3.64
CA ILE C 183 0.38 -1.87 2.92
C ILE C 183 -0.65 -2.96 2.63
N ALA C 184 -0.19 -4.09 2.11
CA ALA C 184 -1.12 -5.18 1.80
C ALA C 184 -1.79 -5.71 3.06
N THR C 185 -1.05 -5.82 4.15
CA THR C 185 -1.63 -6.31 5.40
C THR C 185 -2.70 -5.37 5.92
N ASN C 186 -2.42 -4.06 5.88
CA ASN C 186 -3.41 -3.10 6.34
C ASN C 186 -4.67 -3.16 5.48
N ILE C 187 -4.52 -3.24 4.16
CA ILE C 187 -5.69 -3.27 3.29
C ILE C 187 -6.49 -4.55 3.48
N CYS C 188 -5.81 -5.70 3.56
CA CYS C 188 -6.50 -6.96 3.75
C CYS C 188 -7.21 -7.01 5.10
N GLU C 189 -6.56 -6.50 6.15
CA GLU C 189 -7.19 -6.42 7.46
C GLU C 189 -8.42 -5.54 7.42
N THR C 190 -8.34 -4.40 6.72
CA THR C 190 -9.50 -3.53 6.61
C THR C 190 -10.66 -4.22 5.91
N ILE C 191 -10.38 -4.92 4.81
CA ILE C 191 -11.44 -5.61 4.08
C ILE C 191 -12.06 -6.70 4.95
N VAL C 192 -11.23 -7.51 5.59
CA VAL C 192 -11.75 -8.62 6.38
C VAL C 192 -12.51 -8.10 7.59
N TRP C 193 -12.06 -6.99 8.18
CA TRP C 193 -12.78 -6.39 9.29
C TRP C 193 -14.14 -5.86 8.85
N LYS C 194 -14.18 -5.11 7.74
CA LYS C 194 -15.45 -4.63 7.22
C LYS C 194 -16.39 -5.78 6.90
N ALA C 195 -15.84 -6.95 6.58
CA ALA C 195 -16.69 -8.10 6.27
C ALA C 195 -17.20 -8.78 7.54
N PHE C 196 -16.33 -9.04 8.51
CA PHE C 196 -16.65 -9.92 9.63
C PHE C 196 -16.54 -9.23 10.99
N SER C 197 -16.60 -7.91 11.07
CA SER C 197 -16.45 -7.25 12.35
C SER C 197 -17.63 -7.57 13.26
N PRO C 198 -17.39 -8.01 14.50
CA PRO C 198 -18.50 -8.25 15.44
C PRO C 198 -18.91 -7.02 16.23
N THR C 199 -18.33 -5.85 15.94
CA THR C 199 -18.73 -4.63 16.62
C THR C 199 -20.20 -4.34 16.37
N THR C 200 -20.92 -4.02 17.44
CA THR C 200 -22.35 -3.75 17.35
C THR C 200 -22.60 -2.24 17.40
N VAL C 201 -23.44 -1.77 16.48
CA VAL C 201 -23.80 -0.36 16.39
C VAL C 201 -25.32 -0.27 16.29
N ASN C 202 -25.92 0.56 17.15
CA ASN C 202 -27.36 0.75 17.14
C ASN C 202 -27.67 2.24 17.23
N THR C 203 -28.64 2.68 16.43
CA THR C 203 -29.10 4.07 16.43
C THR C 203 -30.62 4.12 16.49
N GLY C 204 -31.24 3.21 17.24
CA GLY C 204 -32.68 3.12 17.35
C GLY C 204 -33.32 2.06 16.50
N ARG C 205 -32.53 1.24 15.80
CA ARG C 205 -33.05 0.17 14.96
C ARG C 205 -32.59 -1.20 15.42
N GLY C 206 -32.25 -1.36 16.70
CA GLY C 206 -31.75 -2.61 17.21
C GLY C 206 -30.27 -2.80 16.96
N MET C 207 -29.75 -3.89 17.50
CA MET C 207 -28.33 -4.19 17.37
C MET C 207 -28.01 -4.55 15.91
N GLU C 208 -27.28 -3.66 15.24
CA GLU C 208 -26.84 -3.88 13.87
C GLU C 208 -25.34 -4.14 13.88
N PHE C 209 -24.95 -5.35 13.50
CA PHE C 209 -23.54 -5.70 13.47
C PHE C 209 -22.82 -4.95 12.37
N GLU C 210 -21.58 -4.56 12.63
CA GLU C 210 -20.80 -3.75 11.70
C GLU C 210 -20.16 -4.59 10.60
N GLY C 211 -20.12 -5.92 10.75
CA GLY C 211 -19.59 -6.77 9.71
C GLY C 211 -20.68 -7.30 8.81
N ALA C 212 -20.49 -7.20 7.49
CA ALA C 212 -21.57 -7.47 6.55
C ALA C 212 -22.06 -8.90 6.65
N ILE C 213 -21.15 -9.87 6.64
CA ILE C 213 -21.56 -11.27 6.67
C ILE C 213 -22.14 -11.64 8.01
N ILE C 214 -21.50 -11.20 9.10
CA ILE C 214 -22.05 -11.47 10.43
C ILE C 214 -23.39 -10.78 10.59
N ALA C 215 -23.55 -9.59 10.00
CA ALA C 215 -24.84 -8.92 10.03
C ALA C 215 -25.89 -9.71 9.27
N LEU C 216 -25.50 -10.29 8.13
CA LEU C 216 -26.44 -11.12 7.39
C LEU C 216 -26.92 -12.30 8.25
N PHE C 217 -25.98 -12.98 8.90
CA PHE C 217 -26.34 -14.10 9.76
C PHE C 217 -27.25 -13.63 10.90
N HIS C 218 -26.90 -12.51 11.53
CA HIS C 218 -27.69 -12.01 12.66
C HIS C 218 -29.10 -11.63 12.24
N LEU C 219 -29.23 -10.95 11.09
CA LEU C 219 -30.55 -10.56 10.62
C LEU C 219 -31.37 -11.78 10.20
N LEU C 220 -30.75 -12.77 9.58
CA LEU C 220 -31.49 -13.97 9.22
C LEU C 220 -31.96 -14.71 10.47
N ALA C 221 -31.11 -14.79 11.49
CA ALA C 221 -31.53 -15.44 12.73
C ALA C 221 -32.65 -14.67 13.41
N THR C 222 -32.55 -13.34 13.47
CA THR C 222 -33.53 -12.54 14.20
C THR C 222 -34.87 -12.51 13.48
N ARG C 223 -34.85 -12.25 12.18
CA ARG C 223 -36.10 -12.10 11.42
C ARG C 223 -36.36 -13.33 10.55
N VAL C 227 -36.38 -12.22 3.85
CA VAL C 227 -36.38 -11.39 2.66
C VAL C 227 -36.04 -9.95 3.01
N ARG C 228 -36.77 -9.39 3.97
CA ARG C 228 -36.47 -8.04 4.43
C ARG C 228 -35.08 -7.96 5.04
N ALA C 229 -34.71 -8.98 5.82
CA ALA C 229 -33.36 -9.04 6.37
C ALA C 229 -32.33 -9.12 5.27
N LEU C 230 -32.60 -9.90 4.23
CA LEU C 230 -31.66 -10.02 3.12
C LEU C 230 -31.47 -8.68 2.42
N ARG C 231 -32.57 -7.99 2.12
CA ARG C 231 -32.46 -6.69 1.46
C ARG C 231 -31.77 -5.67 2.35
N GLU C 232 -32.03 -5.69 3.65
CA GLU C 232 -31.34 -4.77 4.55
C GLU C 232 -29.85 -5.05 4.60
N ALA C 233 -29.46 -6.33 4.66
CA ALA C 233 -28.04 -6.69 4.67
C ALA C 233 -27.37 -6.41 3.33
N PHE C 234 -28.14 -6.33 2.25
CA PHE C 234 -27.55 -6.04 0.95
C PHE C 234 -27.42 -4.54 0.69
N TYR C 235 -28.40 -3.76 1.11
CA TYR C 235 -28.44 -2.32 0.83
C TYR C 235 -28.35 -1.49 2.11
N ARG C 236 -27.52 -1.90 3.05
CA ARG C 236 -27.36 -1.17 4.30
C ARG C 236 -26.43 0.02 4.10
N GLN C 237 -27.00 1.20 3.85
CA GLN C 237 -26.18 2.34 3.43
C GLN C 237 -25.22 2.80 4.51
N ASN C 238 -25.63 2.74 5.78
CA ASN C 238 -24.81 3.32 6.84
C ASN C 238 -23.67 2.41 7.29
N LEU C 239 -23.63 1.17 6.82
CA LEU C 239 -22.62 0.21 7.25
C LEU C 239 -22.09 -0.57 6.06
N PRO C 240 -21.08 -1.44 6.23
CA PRO C 240 -20.65 -2.28 5.11
C PRO C 240 -21.78 -3.16 4.59
N ASN C 241 -21.79 -3.33 3.27
CA ASN C 241 -22.82 -4.09 2.57
C ASN C 241 -22.30 -5.47 2.18
N LEU C 242 -23.24 -6.31 1.75
CA LEU C 242 -22.87 -7.54 1.06
C LEU C 242 -22.69 -7.31 -0.44
N MET C 243 -23.42 -6.35 -1.00
CA MET C 243 -23.18 -5.98 -2.39
C MET C 243 -21.80 -5.37 -2.56
N ASN C 244 -21.34 -4.59 -1.57
CA ASN C 244 -19.98 -4.07 -1.63
C ASN C 244 -18.96 -5.20 -1.56
N LEU C 245 -19.21 -6.23 -0.75
CA LEU C 245 -18.33 -7.38 -0.70
C LEU C 245 -18.31 -8.13 -2.03
N ILE C 246 -19.48 -8.25 -2.66
CA ILE C 246 -19.54 -8.89 -3.98
C ILE C 246 -18.74 -8.08 -5.00
N ALA C 247 -18.85 -6.76 -4.95
CA ALA C 247 -18.07 -5.91 -5.84
C ALA C 247 -16.58 -6.06 -5.57
N THR C 248 -16.19 -6.16 -4.31
CA THR C 248 -14.78 -6.35 -3.98
C THR C 248 -14.26 -7.68 -4.51
N ILE C 249 -15.06 -8.75 -4.38
CA ILE C 249 -14.65 -10.04 -4.92
C ILE C 249 -14.53 -9.98 -6.44
N PHE C 250 -15.49 -9.31 -7.09
CA PHE C 250 -15.44 -9.15 -8.53
C PHE C 250 -14.20 -8.38 -8.97
N VAL C 251 -13.84 -7.34 -8.23
CA VAL C 251 -12.66 -6.55 -8.57
C VAL C 251 -11.39 -7.37 -8.34
N PHE C 252 -11.36 -8.17 -7.26
CA PHE C 252 -10.26 -9.11 -7.08
C PHE C 252 -10.11 -10.00 -8.30
N ALA C 253 -11.20 -10.61 -8.76
CA ALA C 253 -11.13 -11.52 -9.89
C ALA C 253 -10.65 -10.81 -11.14
N VAL C 254 -11.18 -9.61 -11.41
CA VAL C 254 -10.84 -8.89 -12.63
C VAL C 254 -9.39 -8.45 -12.60
N VAL C 255 -8.92 -7.92 -11.47
CA VAL C 255 -7.54 -7.47 -11.38
C VAL C 255 -6.58 -8.64 -11.47
N ILE C 256 -6.95 -9.80 -10.91
CA ILE C 256 -6.13 -10.98 -11.05
C ILE C 256 -6.05 -11.42 -12.51
N TYR C 257 -7.19 -11.42 -13.20
CA TYR C 257 -7.20 -11.81 -14.60
C TYR C 257 -6.35 -10.87 -15.46
N PHE C 258 -6.44 -9.58 -15.20
CA PHE C 258 -5.64 -8.62 -15.95
C PHE C 258 -4.18 -8.62 -15.55
N GLN C 259 -3.85 -9.03 -14.32
CA GLN C 259 -2.47 -9.17 -13.91
C GLN C 259 -1.83 -10.40 -14.54
N GLY C 260 -2.62 -11.43 -14.81
CA GLY C 260 -2.10 -12.59 -15.50
C GLY C 260 -1.69 -12.34 -16.94
N PHE C 261 -2.12 -11.22 -17.52
CA PHE C 261 -1.73 -10.87 -18.88
C PHE C 261 -0.22 -10.73 -18.98
N ARG C 262 0.36 -11.20 -20.07
CA ARG C 262 1.80 -11.13 -20.27
C ARG C 262 2.10 -11.24 -21.76
N TYR C 263 3.27 -10.75 -22.15
CA TYR C 263 3.80 -10.91 -23.50
C TYR C 263 5.09 -11.72 -23.39
N GLU C 264 5.06 -12.96 -23.87
CA GLU C 264 6.21 -13.84 -23.80
C GLU C 264 7.08 -13.62 -25.03
N LEU C 265 8.31 -13.17 -24.80
CA LEU C 265 9.25 -12.95 -25.89
C LEU C 265 10.09 -14.20 -26.08
N PRO C 266 9.98 -14.91 -27.20
CA PRO C 266 10.83 -16.07 -27.42
C PRO C 266 12.27 -15.66 -27.65
N ILE C 267 13.15 -15.99 -26.70
CA ILE C 267 14.54 -15.54 -26.75
C ILE C 267 15.46 -16.76 -26.61
N ARG C 268 16.67 -16.60 -27.12
CA ARG C 268 17.73 -17.59 -27.02
C ARG C 268 18.98 -16.92 -26.46
N SER C 269 20.09 -17.65 -26.47
CA SER C 269 21.36 -17.15 -25.97
C SER C 269 22.42 -17.25 -27.05
N THR C 270 23.34 -16.31 -27.04
CA THR C 270 24.42 -16.25 -28.01
C THR C 270 25.80 -16.26 -27.37
N LYS C 271 25.97 -15.59 -26.23
CA LYS C 271 27.26 -15.61 -25.54
C LYS C 271 27.62 -17.02 -25.10
N VAL C 272 26.65 -17.75 -24.53
CA VAL C 272 26.83 -19.15 -24.17
C VAL C 272 25.61 -19.92 -24.66
N ARG C 273 25.85 -20.97 -25.43
CA ARG C 273 24.77 -21.77 -25.99
C ARG C 273 24.24 -22.75 -24.94
N GLY C 274 23.08 -23.33 -25.24
CA GLY C 274 22.46 -24.29 -24.36
C GLY C 274 21.48 -23.70 -23.37
N GLN C 275 21.39 -22.38 -23.27
CA GLN C 275 20.44 -21.71 -22.38
C GLN C 275 19.24 -21.24 -23.19
N ILE C 276 18.07 -21.80 -22.89
CA ILE C 276 16.83 -21.41 -23.52
C ILE C 276 15.88 -20.91 -22.43
N GLY C 277 14.99 -20.01 -22.81
CA GLY C 277 14.06 -19.45 -21.85
C GLY C 277 13.03 -18.58 -22.54
N ILE C 278 12.22 -17.92 -21.72
CA ILE C 278 11.15 -17.06 -22.20
C ILE C 278 11.20 -15.76 -21.41
N TYR C 279 10.91 -14.64 -22.09
CA TYR C 279 10.93 -13.34 -21.46
C TYR C 279 9.53 -12.75 -21.42
N PRO C 280 8.90 -12.67 -20.25
CA PRO C 280 7.53 -12.13 -20.20
C PRO C 280 7.49 -10.63 -19.99
N ILE C 281 6.74 -9.92 -20.82
CA ILE C 281 6.50 -8.49 -20.67
C ILE C 281 5.04 -8.36 -20.22
N LYS C 282 4.83 -8.29 -18.91
CA LYS C 282 3.47 -8.25 -18.38
C LYS C 282 2.76 -6.97 -18.79
N LEU C 283 1.43 -7.06 -18.91
CA LEU C 283 0.65 -5.88 -19.23
C LEU C 283 0.77 -4.84 -18.13
N PHE C 284 0.66 -5.26 -16.87
CA PHE C 284 0.90 -4.38 -15.72
C PHE C 284 2.40 -4.32 -15.49
N TYR C 285 3.10 -3.70 -16.44
CA TYR C 285 4.56 -3.75 -16.46
C TYR C 285 5.13 -3.13 -15.20
N THR C 286 4.61 -1.97 -14.80
CA THR C 286 4.87 -1.40 -13.49
C THR C 286 3.72 -1.84 -12.59
N SER C 287 3.99 -2.78 -11.69
CA SER C 287 2.93 -3.54 -11.01
C SER C 287 1.98 -2.64 -10.24
N ASN C 288 2.47 -1.95 -9.22
CA ASN C 288 1.64 -1.05 -8.44
C ASN C 288 2.26 0.34 -8.30
N ILE C 289 3.40 0.59 -8.96
CA ILE C 289 4.03 1.90 -8.87
C ILE C 289 3.12 3.01 -9.35
N PRO C 290 2.38 2.87 -10.46
CA PRO C 290 1.40 3.94 -10.79
C PRO C 290 0.40 4.18 -9.69
N ILE C 291 -0.10 3.11 -9.04
CA ILE C 291 -1.04 3.29 -7.94
C ILE C 291 -0.39 4.03 -6.78
N ILE C 292 0.83 3.61 -6.41
CA ILE C 292 1.50 4.24 -5.28
C ILE C 292 1.76 5.72 -5.56
N LEU C 293 2.25 6.02 -6.76
CA LEU C 293 2.54 7.42 -7.09
C LEU C 293 1.26 8.26 -7.14
N GLN C 294 0.22 7.75 -7.78
CA GLN C 294 -1.05 8.48 -7.85
C GLN C 294 -1.62 8.72 -6.46
N SER C 295 -1.64 7.67 -5.63
CA SER C 295 -2.19 7.80 -4.29
C SER C 295 -1.38 8.77 -3.45
N ALA C 296 -0.05 8.70 -3.55
CA ALA C 296 0.79 9.62 -2.79
C ALA C 296 0.54 11.07 -3.22
N LEU C 297 0.46 11.31 -4.54
CA LEU C 297 0.22 12.66 -5.03
C LEU C 297 -1.15 13.18 -4.58
N VAL C 298 -2.19 12.38 -4.76
CA VAL C 298 -3.53 12.83 -4.41
C VAL C 298 -3.66 13.04 -2.91
N SER C 299 -3.08 12.13 -2.11
CA SER C 299 -3.19 12.26 -0.67
C SER C 299 -2.39 13.44 -0.15
N ASN C 300 -1.22 13.70 -0.75
CA ASN C 300 -0.46 14.90 -0.38
C ASN C 300 -1.23 16.17 -0.73
N LEU C 301 -1.87 16.19 -1.90
CA LEU C 301 -2.70 17.32 -2.26
C LEU C 301 -3.84 17.50 -1.27
N TYR C 302 -4.45 16.39 -0.85
CA TYR C 302 -5.55 16.47 0.13
C TYR C 302 -5.06 17.02 1.46
N VAL C 303 -3.91 16.54 1.94
CA VAL C 303 -3.38 17.01 3.22
C VAL C 303 -3.05 18.49 3.15
N ILE C 304 -2.37 18.92 2.07
CA ILE C 304 -2.02 20.32 1.92
C ILE C 304 -3.28 21.18 1.82
N SER C 305 -4.28 20.73 1.06
CA SER C 305 -5.52 21.50 0.93
C SER C 305 -6.22 21.63 2.27
N GLN C 306 -6.32 20.55 3.03
CA GLN C 306 -6.98 20.61 4.34
C GLN C 306 -6.26 21.56 5.28
N MET C 307 -4.93 21.41 5.39
CA MET C 307 -4.18 22.25 6.32
C MET C 307 -4.23 23.71 5.88
N LEU C 308 -4.16 23.98 4.58
CA LEU C 308 -4.14 25.35 4.08
C LEU C 308 -5.49 26.03 4.27
N SER C 309 -6.57 25.34 3.90
CA SER C 309 -7.90 25.91 4.06
C SER C 309 -8.26 26.10 5.52
N ALA C 310 -7.91 25.12 6.36
CA ALA C 310 -8.24 25.21 7.77
C ALA C 310 -7.47 26.33 8.46
N ARG C 311 -6.18 26.46 8.16
CA ARG C 311 -5.36 27.44 8.86
C ARG C 311 -5.75 28.87 8.48
N PHE C 312 -5.86 29.15 7.18
CA PHE C 312 -6.17 30.50 6.73
C PHE C 312 -6.61 30.51 5.26
N ASN C 315 -8.11 33.23 0.63
CA ASN C 315 -7.49 33.38 -0.68
C ASN C 315 -8.27 32.62 -1.74
N LEU C 316 -8.45 33.24 -2.91
CA LEU C 316 -9.18 32.59 -4.00
C LEU C 316 -8.44 31.36 -4.51
N LEU C 317 -7.10 31.44 -4.59
CA LEU C 317 -6.31 30.31 -5.06
C LEU C 317 -6.42 29.13 -4.11
N VAL C 318 -6.48 29.40 -2.81
CA VAL C 318 -6.68 28.33 -1.84
C VAL C 318 -8.01 27.64 -2.06
N SER C 319 -9.06 28.42 -2.35
CA SER C 319 -10.35 27.84 -2.68
C SER C 319 -10.28 27.01 -3.96
N LEU C 320 -9.54 27.48 -4.96
CA LEU C 320 -9.34 26.70 -6.17
C LEU C 320 -8.63 25.40 -5.89
N LEU C 321 -7.72 25.38 -4.92
CA LEU C 321 -7.06 24.16 -4.51
C LEU C 321 -8.01 23.16 -3.88
N GLY C 322 -9.22 23.59 -3.51
CA GLY C 322 -10.22 22.70 -2.96
C GLY C 322 -11.00 23.32 -1.82
N THR C 323 -12.33 23.33 -1.94
CA THR C 323 -13.19 23.88 -0.90
C THR C 323 -13.59 22.75 0.04
N TRP C 324 -12.73 22.51 1.03
CA TRP C 324 -12.93 21.41 1.95
C TRP C 324 -14.13 21.66 2.85
N SER C 325 -14.91 20.61 3.06
CA SER C 325 -16.10 20.70 3.90
C SER C 325 -16.40 19.37 4.59
N ALA C 335 -15.12 14.44 6.39
CA ALA C 335 -14.89 15.61 5.56
C ALA C 335 -14.65 15.22 4.10
N TYR C 336 -15.45 15.79 3.20
CA TYR C 336 -15.33 15.53 1.78
C TYR C 336 -15.35 16.84 1.01
N PRO C 337 -14.63 16.92 -0.11
CA PRO C 337 -14.61 18.16 -0.89
C PRO C 337 -15.96 18.45 -1.51
N VAL C 338 -16.26 19.75 -1.65
CA VAL C 338 -17.49 20.20 -2.27
C VAL C 338 -17.18 21.22 -3.36
N GLY C 339 -15.92 21.27 -3.79
CA GLY C 339 -15.52 22.18 -4.84
C GLY C 339 -14.03 22.40 -4.91
N GLY C 340 -13.50 22.52 -6.12
CA GLY C 340 -12.10 22.81 -6.34
C GLY C 340 -11.36 21.68 -7.04
N LEU C 341 -10.05 21.87 -7.15
CA LEU C 341 -9.20 20.87 -7.80
C LEU C 341 -9.24 19.55 -7.04
N CYS C 342 -9.17 19.61 -5.71
CA CYS C 342 -9.26 18.40 -4.92
C CYS C 342 -10.61 17.72 -5.07
N TYR C 343 -11.68 18.52 -5.25
CA TYR C 343 -12.99 17.93 -5.56
C TYR C 343 -12.95 17.18 -6.88
N TYR C 344 -12.38 17.81 -7.91
CA TYR C 344 -12.29 17.16 -9.21
C TYR C 344 -11.42 15.92 -9.17
N LEU C 345 -10.46 15.86 -8.25
CA LEU C 345 -9.67 14.65 -8.04
C LEU C 345 -10.41 13.59 -7.24
N SER C 346 -11.41 13.98 -6.46
CA SER C 346 -12.10 13.04 -5.59
C SER C 346 -13.06 12.17 -6.40
N PRO C 347 -13.17 10.88 -6.06
CA PRO C 347 -14.18 10.05 -6.71
C PRO C 347 -15.57 10.56 -6.38
N PRO C 348 -16.52 10.40 -7.29
CA PRO C 348 -17.90 10.82 -7.00
C PRO C 348 -18.45 10.12 -5.77
N GLU C 349 -19.19 10.86 -4.96
CA GLU C 349 -19.74 10.32 -3.73
C GLU C 349 -20.91 9.37 -3.96
N SER C 350 -21.65 9.56 -5.05
CA SER C 350 -22.80 8.72 -5.36
C SER C 350 -23.18 8.96 -6.81
N PHE C 351 -24.14 8.16 -7.30
CA PHE C 351 -24.65 8.36 -8.65
C PHE C 351 -25.28 9.73 -8.81
N GLY C 352 -25.89 10.26 -7.74
CA GLY C 352 -26.44 11.60 -7.80
C GLY C 352 -25.39 12.66 -8.05
N SER C 353 -24.17 12.46 -7.53
CA SER C 353 -23.09 13.38 -7.80
C SER C 353 -22.75 13.41 -9.29
N VAL C 354 -22.73 12.25 -9.93
CA VAL C 354 -22.49 12.20 -11.37
C VAL C 354 -23.64 12.83 -12.14
N LEU C 355 -24.87 12.57 -11.71
CA LEU C 355 -26.03 13.13 -12.41
C LEU C 355 -26.04 14.66 -12.33
N GLU C 356 -25.77 15.20 -11.15
CA GLU C 356 -25.78 16.65 -10.99
C GLU C 356 -24.52 17.29 -11.56
N ASP C 357 -23.38 16.59 -11.49
CA ASP C 357 -22.09 17.11 -11.94
C ASP C 357 -21.42 16.07 -12.81
N PRO C 358 -21.90 15.87 -14.04
CA PRO C 358 -21.20 14.96 -14.96
C PRO C 358 -19.78 15.41 -15.29
N VAL C 359 -19.55 16.72 -15.31
CA VAL C 359 -18.21 17.24 -15.62
C VAL C 359 -17.22 16.76 -14.57
N HIS C 360 -17.63 16.73 -13.30
CA HIS C 360 -16.73 16.27 -12.25
C HIS C 360 -16.34 14.81 -12.46
N ALA C 361 -17.32 13.97 -12.80
CA ALA C 361 -17.03 12.55 -13.02
C ALA C 361 -16.12 12.37 -14.22
N VAL C 362 -16.38 13.11 -15.30
CA VAL C 362 -15.55 12.99 -16.50
C VAL C 362 -14.12 13.43 -16.20
N VAL C 363 -13.97 14.54 -15.49
CA VAL C 363 -12.64 15.05 -15.16
C VAL C 363 -11.92 14.06 -14.24
N TYR C 364 -12.64 13.49 -13.28
CA TYR C 364 -12.02 12.53 -12.37
C TYR C 364 -11.52 11.31 -13.12
N ILE C 365 -12.35 10.75 -14.00
CA ILE C 365 -11.94 9.56 -14.74
C ILE C 365 -10.76 9.87 -15.65
N VAL C 366 -10.82 11.01 -16.34
CA VAL C 366 -9.74 11.39 -17.25
C VAL C 366 -8.44 11.59 -16.47
N PHE C 367 -8.51 12.25 -15.32
CA PHE C 367 -7.30 12.48 -14.53
C PHE C 367 -6.75 11.16 -14.01
N MET C 368 -7.60 10.26 -13.54
CA MET C 368 -7.11 8.96 -13.09
C MET C 368 -6.35 8.25 -14.21
N LEU C 369 -6.99 8.13 -15.37
CA LEU C 369 -6.37 7.40 -16.47
C LEU C 369 -5.08 8.09 -16.93
N GLY C 370 -5.12 9.40 -17.10
CA GLY C 370 -3.94 10.12 -17.57
C GLY C 370 -2.79 10.07 -16.59
N SER C 371 -3.08 10.27 -15.29
CA SER C 371 -2.03 10.20 -14.28
C SER C 371 -1.44 8.81 -14.22
N CYS C 372 -2.26 7.77 -14.28
CA CYS C 372 -1.73 6.41 -14.26
C CYS C 372 -0.81 6.16 -15.46
N ALA C 373 -1.27 6.53 -16.66
CA ALA C 373 -0.47 6.29 -17.85
C ALA C 373 0.83 7.08 -17.80
N PHE C 374 0.77 8.35 -17.42
CA PHE C 374 1.97 9.18 -17.39
C PHE C 374 2.94 8.70 -16.32
N PHE C 375 2.44 8.30 -15.15
CA PHE C 375 3.32 7.83 -14.10
C PHE C 375 3.99 6.52 -14.48
N SER C 376 3.25 5.61 -15.13
CA SER C 376 3.88 4.37 -15.59
C SER C 376 4.92 4.64 -16.65
N LYS C 377 4.61 5.53 -17.61
CA LYS C 377 5.57 5.83 -18.68
C LYS C 377 6.79 6.56 -18.15
N THR C 378 6.64 7.33 -17.07
CA THR C 378 7.81 7.94 -16.44
C THR C 378 8.62 6.93 -15.66
N TRP C 379 7.94 6.02 -14.95
CA TRP C 379 8.64 5.06 -14.11
C TRP C 379 9.45 4.07 -14.95
N ILE C 380 8.93 3.67 -16.12
CA ILE C 380 9.69 2.72 -16.92
C ILE C 380 10.99 3.33 -17.43
N GLU C 381 11.10 4.65 -17.46
CA GLU C 381 12.36 5.31 -17.81
C GLU C 381 13.20 5.68 -16.60
N VAL C 382 12.58 5.87 -15.44
CA VAL C 382 13.33 6.22 -14.24
C VAL C 382 13.91 5.02 -13.52
N SER C 383 13.18 3.92 -13.41
CA SER C 383 13.59 2.76 -12.64
C SER C 383 14.46 1.79 -13.45
N GLY C 384 14.97 2.23 -14.59
CA GLY C 384 15.85 1.39 -15.38
C GLY C 384 15.17 0.17 -15.97
N SER C 385 13.91 0.31 -16.39
CA SER C 385 13.22 -0.73 -17.14
C SER C 385 12.85 -0.25 -18.53
N SER C 386 13.56 0.74 -19.04
CA SER C 386 13.31 1.28 -20.36
C SER C 386 13.63 0.24 -21.43
N PRO C 387 13.02 0.34 -22.60
CA PRO C 387 13.38 -0.56 -23.70
C PRO C 387 14.87 -0.53 -24.02
N ARG C 388 15.49 0.65 -23.92
CA ARG C 388 16.94 0.73 -24.09
C ARG C 388 17.67 -0.08 -23.02
N ASP C 389 17.24 0.04 -21.77
CA ASP C 389 17.90 -0.67 -20.68
C ASP C 389 17.71 -2.18 -20.82
N ILE C 390 16.51 -2.61 -21.20
CA ILE C 390 16.27 -4.03 -21.39
C ILE C 390 17.06 -4.56 -22.59
N ALA C 391 17.19 -3.74 -23.64
CA ALA C 391 18.01 -4.14 -24.79
C ALA C 391 19.47 -4.28 -24.39
N LYS C 392 19.97 -3.36 -23.56
CA LYS C 392 21.35 -3.48 -23.09
C LYS C 392 21.53 -4.70 -22.20
N GLN C 393 20.52 -5.01 -21.38
CA GLN C 393 20.58 -6.23 -20.58
C GLN C 393 20.64 -7.47 -21.46
N PHE C 394 19.83 -7.49 -22.53
CA PHE C 394 19.87 -8.60 -23.45
C PHE C 394 21.24 -8.72 -24.13
N LYS C 395 21.78 -7.59 -24.56
CA LYS C 395 23.05 -7.61 -25.30
C LYS C 395 24.20 -8.03 -24.41
N ASP C 396 24.26 -7.51 -23.19
CA ASP C 396 25.34 -7.87 -22.28
C ASP C 396 25.27 -9.34 -21.89
N GLN C 397 24.07 -9.81 -21.54
CA GLN C 397 23.91 -11.23 -21.20
C GLN C 397 23.97 -12.11 -22.44
N GLY C 398 23.88 -11.54 -23.63
CA GLY C 398 23.92 -12.33 -24.85
C GLY C 398 22.57 -12.94 -25.18
N MET C 399 21.51 -12.14 -25.06
CA MET C 399 20.16 -12.59 -25.34
C MET C 399 19.71 -12.03 -26.69
N VAL C 400 19.10 -12.89 -27.50
CA VAL C 400 18.61 -12.49 -28.82
C VAL C 400 17.20 -13.01 -28.99
N ILE C 401 16.34 -12.19 -29.62
CA ILE C 401 14.96 -12.58 -29.85
C ILE C 401 14.93 -13.58 -31.00
N ASN C 402 14.23 -14.69 -30.80
CA ASN C 402 14.11 -15.71 -31.84
C ASN C 402 13.44 -15.15 -33.07
N GLY C 403 14.04 -15.41 -34.23
CA GLY C 403 13.53 -14.91 -35.49
C GLY C 403 13.90 -13.49 -35.82
N LYS C 404 14.68 -12.83 -34.96
CA LYS C 404 15.08 -11.45 -35.18
C LYS C 404 16.57 -11.31 -34.92
N ARG C 405 17.20 -10.40 -35.65
CA ARG C 405 18.64 -10.19 -35.55
C ARG C 405 19.01 -9.59 -34.20
N GLU C 406 20.32 -9.56 -33.92
CA GLU C 406 20.80 -8.97 -32.68
C GLU C 406 20.70 -7.45 -32.69
N THR C 407 20.84 -6.85 -33.87
CA THR C 407 20.81 -5.39 -33.96
C THR C 407 19.40 -4.84 -33.70
N SER C 408 18.38 -5.56 -34.12
CA SER C 408 17.00 -5.11 -34.03
C SER C 408 16.30 -5.59 -32.75
N ILE C 409 17.07 -5.99 -31.74
CA ILE C 409 16.46 -6.36 -30.47
C ILE C 409 15.76 -5.17 -29.84
N TYR C 410 16.41 -4.00 -29.87
CA TYR C 410 15.85 -2.81 -29.25
C TYR C 410 14.57 -2.37 -29.96
N ARG C 411 14.49 -2.56 -31.28
CA ARG C 411 13.33 -2.09 -32.03
C ARG C 411 12.06 -2.80 -31.57
N GLU C 412 12.11 -4.12 -31.39
CA GLU C 412 10.94 -4.84 -30.91
C GLU C 412 10.57 -4.41 -29.50
N LEU C 413 11.58 -4.20 -28.65
CA LEU C 413 11.32 -3.67 -27.32
C LEU C 413 10.73 -2.26 -27.39
N LYS C 414 11.23 -1.42 -28.29
CA LYS C 414 10.63 -0.11 -28.50
C LYS C 414 9.17 -0.22 -28.93
N LYS C 415 8.83 -1.27 -29.67
CA LYS C 415 7.44 -1.46 -30.09
C LYS C 415 6.56 -1.93 -28.94
N ILE C 416 7.09 -2.80 -28.08
CA ILE C 416 6.26 -3.47 -27.08
C ILE C 416 6.24 -2.71 -25.74
N ILE C 417 7.41 -2.50 -25.16
CA ILE C 417 7.48 -2.04 -23.76
C ILE C 417 6.78 -0.70 -23.52
N PRO C 418 6.98 0.34 -24.34
CA PRO C 418 6.28 1.61 -24.05
C PRO C 418 4.77 1.47 -24.06
N THR C 419 4.21 0.80 -25.07
CA THR C 419 2.78 0.56 -25.08
C THR C 419 2.35 -0.32 -23.92
N ALA C 420 3.15 -1.33 -23.58
CA ALA C 420 2.80 -2.19 -22.45
C ALA C 420 2.67 -1.37 -21.18
N ALA C 421 3.63 -0.48 -20.92
CA ALA C 421 3.57 0.34 -19.71
C ALA C 421 2.39 1.30 -19.75
N ALA C 422 2.19 2.01 -20.86
CA ALA C 422 1.12 3.00 -20.93
C ALA C 422 -0.23 2.33 -20.78
N PHE C 423 -0.46 1.21 -21.46
CA PHE C 423 -1.75 0.55 -21.37
C PHE C 423 -1.93 -0.15 -20.03
N GLY C 424 -0.84 -0.61 -19.41
CA GLY C 424 -0.96 -1.15 -18.06
C GLY C 424 -1.39 -0.09 -17.08
N GLY C 425 -0.81 1.10 -17.17
CA GLY C 425 -1.27 2.21 -16.34
C GLY C 425 -2.71 2.57 -16.61
N LEU C 426 -3.10 2.63 -17.88
CA LEU C 426 -4.48 2.97 -18.22
C LEU C 426 -5.46 1.94 -17.69
N CYS C 427 -5.12 0.65 -17.83
CA CYS C 427 -6.00 -0.41 -17.33
C CYS C 427 -6.06 -0.40 -15.80
N ILE C 428 -4.93 -0.10 -15.14
CA ILE C 428 -4.94 0.01 -13.69
C ILE C 428 -5.86 1.14 -13.24
N GLY C 429 -5.77 2.29 -13.91
CA GLY C 429 -6.67 3.38 -13.60
C GLY C 429 -8.12 3.04 -13.85
N ALA C 430 -8.40 2.34 -14.95
CA ALA C 430 -9.76 1.93 -15.24
C ALA C 430 -10.30 0.99 -14.17
N LEU C 431 -9.48 0.04 -13.73
CA LEU C 431 -9.90 -0.86 -12.66
C LEU C 431 -10.12 -0.11 -11.35
N SER C 432 -9.27 0.88 -11.06
CA SER C 432 -9.44 1.66 -9.85
C SER C 432 -10.74 2.44 -9.87
N VAL C 433 -11.04 3.09 -11.00
CA VAL C 433 -12.28 3.87 -11.06
C VAL C 433 -13.49 2.95 -11.09
N LEU C 434 -13.38 1.76 -11.69
CA LEU C 434 -14.48 0.81 -11.64
C LEU C 434 -14.75 0.34 -10.22
N ALA C 435 -13.70 0.06 -9.46
CA ALA C 435 -13.88 -0.37 -8.08
C ALA C 435 -14.45 0.76 -7.23
N ASP C 436 -13.99 1.99 -7.44
CA ASP C 436 -14.52 3.12 -6.70
C ASP C 436 -15.99 3.36 -7.03
N PHE C 437 -16.35 3.26 -8.31
CA PHE C 437 -17.74 3.46 -8.71
C PHE C 437 -18.65 2.38 -8.13
N LEU C 438 -18.17 1.13 -8.12
CA LEU C 438 -18.96 0.04 -7.55
C LEU C 438 -19.05 0.11 -6.04
N GLY C 439 -18.31 1.01 -5.41
CA GLY C 439 -18.29 1.09 -3.96
C GLY C 439 -17.67 -0.11 -3.31
N ALA C 440 -16.55 -0.57 -3.85
CA ALA C 440 -15.87 -1.73 -3.30
C ALA C 440 -15.30 -1.42 -1.93
N ILE C 441 -15.10 -2.48 -1.14
CA ILE C 441 -14.64 -2.35 0.23
C ILE C 441 -13.11 -2.26 0.21
N GLY C 442 -12.57 -1.21 0.81
CA GLY C 442 -11.13 -1.04 0.84
C GLY C 442 -10.64 -0.07 -0.21
N SER C 443 -11.59 0.52 -0.95
CA SER C 443 -11.32 1.50 -1.99
C SER C 443 -10.60 0.86 -3.18
N GLY C 444 -10.75 1.46 -4.36
CA GLY C 444 -10.10 0.91 -5.54
C GLY C 444 -8.59 0.89 -5.44
N THR C 445 -8.01 1.99 -4.94
CA THR C 445 -6.57 2.04 -4.76
C THR C 445 -6.10 0.96 -3.79
N GLY C 446 -6.82 0.79 -2.68
CA GLY C 446 -6.44 -0.23 -1.73
C GLY C 446 -6.53 -1.64 -2.30
N ILE C 447 -7.59 -1.91 -3.05
CA ILE C 447 -7.75 -3.25 -3.62
C ILE C 447 -6.67 -3.52 -4.67
N LEU C 448 -6.36 -2.53 -5.51
CA LEU C 448 -5.29 -2.71 -6.49
C LEU C 448 -3.96 -2.94 -5.80
N LEU C 449 -3.66 -2.17 -4.76
CA LEU C 449 -2.43 -2.39 -4.01
C LEU C 449 -2.38 -3.80 -3.43
N ALA C 450 -3.48 -4.24 -2.82
CA ALA C 450 -3.49 -5.56 -2.20
C ALA C 450 -3.28 -6.66 -3.22
N VAL C 451 -3.98 -6.58 -4.35
CA VAL C 451 -3.87 -7.64 -5.35
C VAL C 451 -2.48 -7.65 -5.97
N THR C 452 -1.93 -6.48 -6.29
CA THR C 452 -0.61 -6.46 -6.90
C THR C 452 0.47 -6.97 -5.95
N ILE C 453 0.38 -6.58 -4.67
CA ILE C 453 1.38 -7.03 -3.71
C ILE C 453 1.24 -8.53 -3.45
N ILE C 454 0.01 -9.04 -3.39
CA ILE C 454 -0.18 -10.46 -3.20
C ILE C 454 0.33 -11.24 -4.41
N TYR C 455 0.16 -10.69 -5.61
CA TYR C 455 0.71 -11.33 -6.80
C TYR C 455 2.23 -11.33 -6.78
N GLN C 456 2.83 -10.24 -6.30
CA GLN C 456 4.29 -10.23 -6.17
C GLN C 456 4.76 -11.28 -5.17
N TYR C 457 4.04 -11.43 -4.06
CA TYR C 457 4.40 -12.49 -3.11
C TYR C 457 4.17 -13.86 -3.70
N PHE C 458 3.17 -14.03 -4.56
CA PHE C 458 2.94 -15.32 -5.21
C PHE C 458 4.07 -15.64 -6.19
N GLU C 459 4.55 -14.64 -6.93
CA GLU C 459 5.65 -14.92 -7.85
C GLU C 459 6.94 -15.16 -7.08
N ILE C 460 7.11 -14.54 -5.91
CA ILE C 460 8.21 -14.91 -5.03
C ILE C 460 8.07 -16.36 -4.57
N PHE C 461 6.84 -16.76 -4.21
CA PHE C 461 6.57 -18.15 -3.85
C PHE C 461 7.04 -19.11 -4.94
N VAL C 462 6.60 -18.85 -6.18
CA VAL C 462 6.92 -19.78 -7.26
C VAL C 462 8.42 -19.73 -7.58
N LYS C 463 9.06 -18.57 -7.47
CA LYS C 463 10.49 -18.49 -7.73
C LYS C 463 11.27 -19.31 -6.71
N GLU C 464 10.95 -19.16 -5.42
CA GLU C 464 11.67 -19.92 -4.40
C GLU C 464 11.31 -21.40 -4.44
N GLN C 465 10.12 -21.74 -4.93
CA GLN C 465 9.76 -23.15 -5.07
C GLN C 465 10.51 -23.80 -6.22
N SER C 466 10.60 -23.13 -7.37
CA SER C 466 11.34 -23.67 -8.49
C SER C 466 12.84 -23.72 -8.20
N GLU C 467 13.37 -22.71 -7.53
CA GLU C 467 14.78 -22.70 -7.18
C GLU C 467 15.06 -23.63 -6.00
#